data_9NFB
#
_entry.id   9NFB
#
_cell.length_a   1.00
_cell.length_b   1.00
_cell.length_c   1.00
_cell.angle_alpha   90.00
_cell.angle_beta   90.00
_cell.angle_gamma   90.00
#
_symmetry.space_group_name_H-M   'P 1'
#
loop_
_entity.id
_entity.type
_entity.pdbx_description
1 polymer 'MHC class I antigen'
2 polymer Beta-2-microglobulin
3 polymer 'GTPase KRas'
4 polymer 'R302 Fab light chain'
5 polymer 'R302 Fab heavy chain'
6 non-polymer 1-{(3S)-4-[(7M)-7-[6-amino-4-methyl-3-(trifluoromethyl)pyridin-2-yl]-6-chloro-8-fluoro-2-{[(2S)-1-methylpyrrolidin-2-yl]methoxy}quinazolin-4-yl]-3-methylpiperazin-1-yl}propan-1-one
#
loop_
_entity_poly.entity_id
_entity_poly.type
_entity_poly.pdbx_seq_one_letter_code
_entity_poly.pdbx_strand_id
1 'polypeptide(L)'
;MGSHSMRYFFTSVSRPGRGEPRFIAVGYVDDTQFVRFDSDAASQRMEPRAPWIEQEGPEYWDGETRKVKAHSQTHRVDLG
TLRGYYNQSEAGSHTVQRMYGCDVGSDWRFLRGYHQYAYDGKDYIALKEDLRSWTAADMAAQTTKHKWEAAHVAEQLRAY
LEGTCVEWLRRYLENGKETLQRTDAPKTHMTHHAVSDHEATLRCWALSFYPAEITLTWQRDGEDQTQDTELVETRPAGDG
TFQKWAAVVVPSGQEQRYTCHVQHEGLPKPLTLRWEGGGSGLNDIFEAQKIEWHEGGGSHHHHHHHH
;
A
2 'polypeptide(L)'
;GSIQRTPKIQVYSRHPAENGKSNFLNCYVSGFHPSDIEVDLLKNGERIEKVEHSDLSFSKDWSFYLLYYTEFTPTEKDEY
ACRVNHVTLSQPKIVKWDRDM
;
B
3 'polypeptide(L)' KLVVVGACGV C
4 'polypeptide(L)'
;DIVMTQSPATLSLSPGERATLSCRASQSLSSSFLAWYQQKPGQAPRLLIYGASSRATGIPDRFSGSGSGTDFTLTISRLE
PEDFAVYYCQQSESALTFGGGTKVEIKRTVAAPSVFIFPPSDSQLKSGTASVVCLLNNFYPREAKVQWKVDNALQSGNSQ
ESVTEQDSKDSTYSLSSTLTLSKADYEKHKVYACEVTHQGLSSPVTKSFNRGECGGGGSLPETG
;
D
5 'polypeptide(L)'
;EVQLLESGGGVVQPGRSLRLSCAASGFTFSSYGMHWVRQAPGKGLEWVAVISYDGSNKYYADSVKGRFTISRDNSKNTLY
LQMNSLRAEDTAVYYCLYGGNSYGMDVWGQGTMVTVFNQIKGPSVFPLAPSSKSTSGGTAALGCLVKDYFPEPVTVSWNS
GALTSGVHTFPAVLQSSGLYSLSSVVTVPSSSLGTQTYICNVNHKPSNTKVDKKVEPKSCDKTHT
;
E
#
loop_
_chem_comp.id
_chem_comp.type
_chem_comp.name
_chem_comp.formula
A1AWR non-polymer 1-{(3S)-4-[(7M)-7-[6-amino-4-methyl-3-(trifluoromethyl)pyridin-2-yl]-6-chloro-8-fluoro-2-{[(2S)-1-methylpyrrolidin-2-yl]methoxy}quinazolin-4-yl]-3-methylpiperazin-1-yl}propan-1-one 'C29 H34 Cl F4 N7 O2'
#
# COMPACT_ATOMS: atom_id res chain seq x y z
N GLY A 2 -3.49 18.09 -20.54
CA GLY A 2 -2.11 17.85 -20.17
C GLY A 2 -1.85 16.42 -19.74
N SER A 3 -0.60 16.00 -19.84
CA SER A 3 -0.23 14.64 -19.45
C SER A 3 -0.32 14.47 -17.94
N HIS A 4 -0.94 13.38 -17.51
CA HIS A 4 -1.09 13.07 -16.09
C HIS A 4 -0.35 11.77 -15.79
N SER A 5 0.31 11.73 -14.63
CA SER A 5 1.15 10.60 -14.27
C SER A 5 0.80 10.09 -12.88
N MET A 6 0.77 8.77 -12.73
CA MET A 6 0.68 8.13 -11.42
C MET A 6 2.03 7.52 -11.08
N ARG A 7 2.49 7.73 -9.85
CA ARG A 7 3.74 7.16 -9.39
C ARG A 7 3.56 6.59 -7.99
N TYR A 8 4.40 5.62 -7.66
CA TYR A 8 4.46 5.03 -6.33
C TYR A 8 5.92 4.99 -5.90
N PHE A 9 6.18 5.51 -4.71
CA PHE A 9 7.52 5.58 -4.14
C PHE A 9 7.56 4.77 -2.86
N PHE A 10 8.55 3.89 -2.74
CA PHE A 10 8.72 3.02 -1.58
C PHE A 10 10.12 3.21 -1.03
N THR A 11 10.22 3.41 0.28
CA THR A 11 11.49 3.61 0.96
C THR A 11 11.58 2.65 2.14
N SER A 12 12.66 1.88 2.20
CA SER A 12 12.90 0.92 3.28
C SER A 12 14.26 1.20 3.88
N VAL A 13 14.29 1.49 5.18
CA VAL A 13 15.50 1.87 5.89
C VAL A 13 15.79 0.82 6.95
N SER A 14 17.00 0.29 6.93
CA SER A 14 17.40 -0.73 7.90
C SER A 14 17.77 -0.09 9.22
N ARG A 15 17.17 -0.57 10.30
CA ARG A 15 17.49 -0.08 11.63
C ARG A 15 18.30 -1.11 12.39
N PRO A 16 19.57 -0.86 12.68
CA PRO A 16 20.43 -1.86 13.34
C PRO A 16 20.14 -2.03 14.83
N GLY A 17 19.14 -2.86 15.13
CA GLY A 17 18.79 -3.22 16.48
C GLY A 17 17.58 -2.49 17.04
N ARG A 18 17.20 -1.36 16.44
CA ARG A 18 16.01 -0.65 16.92
C ARG A 18 14.72 -1.36 16.55
N GLY A 19 14.78 -2.40 15.73
CA GLY A 19 13.62 -3.15 15.33
C GLY A 19 13.72 -3.54 13.87
N GLU A 20 12.57 -3.89 13.30
CA GLU A 20 12.51 -4.21 11.89
C GLU A 20 12.71 -2.96 11.05
N PRO A 21 13.20 -3.09 9.82
CA PRO A 21 13.41 -1.91 8.98
C PRO A 21 12.10 -1.16 8.73
N ARG A 22 12.21 0.17 8.71
CA ARG A 22 11.03 1.01 8.51
C ARG A 22 10.70 1.11 7.04
N PHE A 23 9.42 0.99 6.71
CA PHE A 23 8.94 0.98 5.33
C PHE A 23 7.88 2.05 5.16
N ILE A 24 8.04 2.89 4.15
CA ILE A 24 7.09 3.94 3.83
C ILE A 24 6.73 3.86 2.34
N ALA A 25 5.44 3.87 2.04
CA ALA A 25 4.96 3.87 0.67
C ALA A 25 4.06 5.08 0.44
N VAL A 26 4.22 5.71 -0.71
CA VAL A 26 3.42 6.88 -1.06
C VAL A 26 2.95 6.75 -2.50
N GLY A 27 1.71 7.17 -2.76
CA GLY A 27 1.18 7.18 -4.10
C GLY A 27 0.79 8.57 -4.53
N TYR A 28 1.24 8.97 -5.71
CA TYR A 28 1.04 10.33 -6.22
C TYR A 28 0.30 10.26 -7.54
N VAL A 29 -0.69 11.12 -7.72
CA VAL A 29 -1.27 11.41 -9.03
C VAL A 29 -0.96 12.86 -9.32
N ASP A 30 -0.23 13.11 -10.42
CA ASP A 30 0.29 14.43 -10.75
C ASP A 30 1.17 14.88 -9.59
N ASP A 31 0.85 15.97 -8.90
CA ASP A 31 1.61 16.40 -7.73
C ASP A 31 0.82 16.23 -6.44
N THR A 32 -0.27 15.45 -6.46
CA THR A 32 -1.15 15.29 -5.32
C THR A 32 -1.02 13.86 -4.78
N GLN A 33 -0.67 13.74 -3.51
CA GLN A 33 -0.65 12.43 -2.87
C GLN A 33 -2.07 11.95 -2.63
N PHE A 34 -2.27 10.63 -2.74
CA PHE A 34 -3.59 10.06 -2.48
C PHE A 34 -3.61 8.83 -1.60
N VAL A 35 -2.47 8.17 -1.35
CA VAL A 35 -2.38 7.08 -0.40
C VAL A 35 -1.09 7.23 0.41
N ARG A 36 -0.98 6.40 1.46
CA ARG A 36 0.16 6.45 2.35
C ARG A 36 0.17 5.21 3.22
N PHE A 37 1.32 4.55 3.31
CA PHE A 37 1.52 3.43 4.21
C PHE A 37 2.79 3.65 5.01
N ASP A 38 2.68 3.62 6.33
CA ASP A 38 3.83 3.76 7.22
C ASP A 38 3.88 2.54 8.11
N SER A 39 5.06 1.90 8.18
CA SER A 39 5.17 0.64 8.89
C SER A 39 4.92 0.81 10.39
N ASP A 40 5.29 1.96 10.94
CA ASP A 40 5.14 2.20 12.37
C ASP A 40 3.80 2.80 12.75
N ALA A 41 2.94 3.11 11.78
CA ALA A 41 1.60 3.57 12.10
C ALA A 41 0.79 2.46 12.74
N ALA A 42 -0.13 2.84 13.62
CA ALA A 42 -0.90 1.86 14.38
C ALA A 42 -1.83 1.05 13.47
N SER A 43 -2.41 1.70 12.46
CA SER A 43 -3.42 1.03 11.64
C SER A 43 -2.81 -0.11 10.82
N GLN A 44 -1.59 0.09 10.29
CA GLN A 44 -0.97 -0.88 9.39
C GLN A 44 -1.86 -1.20 8.20
N ARG A 45 -2.48 -0.16 7.64
CA ARG A 45 -3.33 -0.28 6.47
C ARG A 45 -3.04 0.88 5.54
N MET A 46 -3.44 0.72 4.28
CA MET A 46 -3.33 1.82 3.33
C MET A 46 -4.31 2.92 3.71
N GLU A 47 -3.79 4.13 3.89
CA GLU A 47 -4.60 5.24 4.38
C GLU A 47 -4.85 6.24 3.28
N PRO A 48 -6.08 6.73 3.13
CA PRO A 48 -6.34 7.76 2.11
C PRO A 48 -5.82 9.12 2.55
N ARG A 49 -5.27 9.88 1.60
CA ARG A 49 -4.80 11.23 1.85
C ARG A 49 -5.39 12.24 0.88
N ALA A 50 -6.48 11.88 0.20
CA ALA A 50 -7.20 12.79 -0.68
C ALA A 50 -8.69 12.60 -0.44
N PRO A 51 -9.49 13.67 -0.59
CA PRO A 51 -10.93 13.51 -0.35
C PRO A 51 -11.62 12.57 -1.34
N TRP A 52 -11.16 12.52 -2.59
CA TRP A 52 -11.86 11.73 -3.60
C TRP A 52 -11.58 10.24 -3.45
N ILE A 53 -10.37 9.88 -3.04
CA ILE A 53 -10.00 8.46 -2.95
C ILE A 53 -10.76 7.75 -1.83
N GLU A 54 -11.31 8.50 -0.88
CA GLU A 54 -12.09 7.89 0.20
C GLU A 54 -13.39 7.29 -0.32
N GLN A 55 -13.80 7.64 -1.54
CA GLN A 55 -15.03 7.09 -2.12
C GLN A 55 -14.91 5.60 -2.39
N GLU A 56 -13.69 5.10 -2.59
CA GLU A 56 -13.48 3.69 -2.90
C GLU A 56 -13.99 2.81 -1.77
N GLY A 57 -14.55 1.65 -2.14
CA GLY A 57 -15.11 0.74 -1.17
C GLY A 57 -14.04 0.04 -0.36
N PRO A 58 -14.46 -0.63 0.72
CA PRO A 58 -13.48 -1.29 1.60
C PRO A 58 -12.70 -2.40 0.92
N GLU A 59 -13.22 -2.99 -0.15
CA GLU A 59 -12.45 -4.01 -0.86
C GLU A 59 -11.22 -3.41 -1.52
N TYR A 60 -11.33 -2.16 -1.99
CA TYR A 60 -10.16 -1.49 -2.56
C TYR A 60 -9.07 -1.32 -1.51
N TRP A 61 -9.44 -0.92 -0.29
CA TRP A 61 -8.46 -0.76 0.77
C TRP A 61 -7.88 -2.11 1.19
N ASP A 62 -8.71 -3.15 1.19
CA ASP A 62 -8.20 -4.49 1.48
C ASP A 62 -7.12 -4.89 0.48
N GLY A 63 -7.41 -4.74 -0.81
CA GLY A 63 -6.43 -5.08 -1.83
C GLY A 63 -5.16 -4.24 -1.72
N GLU A 64 -5.32 -2.95 -1.48
CA GLU A 64 -4.16 -2.07 -1.36
C GLU A 64 -3.29 -2.47 -0.17
N THR A 65 -3.92 -2.80 0.96
CA THR A 65 -3.16 -3.20 2.13
C THR A 65 -2.42 -4.52 1.88
N ARG A 66 -3.07 -5.47 1.21
CA ARG A 66 -2.39 -6.72 0.88
C ARG A 66 -1.16 -6.46 0.02
N LYS A 67 -1.33 -5.66 -1.04
CA LYS A 67 -0.20 -5.39 -1.93
C LYS A 67 0.92 -4.65 -1.21
N VAL A 68 0.58 -3.67 -0.38
CA VAL A 68 1.61 -2.88 0.28
C VAL A 68 2.34 -3.70 1.33
N LYS A 69 1.65 -4.62 2.01
CA LYS A 69 2.36 -5.47 2.96
C LYS A 69 3.24 -6.48 2.24
N ALA A 70 2.82 -6.95 1.06
CA ALA A 70 3.71 -7.77 0.24
C ALA A 70 4.96 -7.00 -0.14
N HIS A 71 4.80 -5.72 -0.52
CA HIS A 71 5.95 -4.88 -0.83
C HIS A 71 6.85 -4.70 0.39
N SER A 72 6.25 -4.53 1.57
CA SER A 72 7.04 -4.38 2.79
C SER A 72 7.88 -5.62 3.07
N GLN A 73 7.27 -6.79 2.94
CA GLN A 73 8.03 -8.04 3.14
C GLN A 73 9.15 -8.17 2.11
N THR A 74 8.85 -7.84 0.85
CA THR A 74 9.88 -7.94 -0.18
C THR A 74 11.04 -7.02 0.11
N HIS A 75 10.77 -5.78 0.54
CA HIS A 75 11.86 -4.86 0.84
C HIS A 75 12.64 -5.29 2.08
N ARG A 76 11.96 -5.86 3.06
CA ARG A 76 12.64 -6.36 4.25
C ARG A 76 13.61 -7.47 3.89
N VAL A 77 13.21 -8.37 2.99
CA VAL A 77 14.14 -9.39 2.49
C VAL A 77 15.23 -8.75 1.64
N ASP A 78 14.86 -7.70 0.88
CA ASP A 78 15.76 -7.09 -0.08
C ASP A 78 16.95 -6.44 0.60
N LEU A 79 16.73 -5.80 1.75
CA LEU A 79 17.85 -5.19 2.47
C LEU A 79 18.90 -6.22 2.82
N GLY A 80 18.47 -7.36 3.37
CA GLY A 80 19.43 -8.40 3.73
C GLY A 80 20.12 -9.00 2.53
N THR A 81 19.36 -9.30 1.46
CA THR A 81 20.00 -9.91 0.30
C THR A 81 20.97 -8.95 -0.38
N LEU A 82 20.68 -7.65 -0.34
CA LEU A 82 21.60 -6.69 -0.95
C LEU A 82 22.84 -6.50 -0.11
N ARG A 83 22.69 -6.47 1.22
CA ARG A 83 23.88 -6.43 2.07
C ARG A 83 24.75 -7.65 1.86
N GLY A 84 24.13 -8.82 1.67
CA GLY A 84 24.90 -10.00 1.33
C GLY A 84 25.58 -9.90 -0.01
N TYR A 85 24.88 -9.33 -1.01
CA TYR A 85 25.46 -9.16 -2.33
C TYR A 85 26.69 -8.27 -2.28
N TYR A 86 26.63 -7.19 -1.52
CA TYR A 86 27.71 -6.21 -1.45
C TYR A 86 28.77 -6.56 -0.41
N ASN A 87 28.54 -7.60 0.40
CA ASN A 87 29.44 -7.96 1.50
C ASN A 87 29.66 -6.78 2.45
N GLN A 88 28.58 -6.11 2.81
CA GLN A 88 28.65 -4.99 3.73
C GLN A 88 28.52 -5.46 5.18
N SER A 89 29.03 -4.64 6.10
CA SER A 89 28.94 -4.95 7.51
C SER A 89 27.49 -4.80 7.99
N GLU A 90 27.14 -5.63 8.98
CA GLU A 90 25.78 -5.61 9.52
C GLU A 90 25.51 -4.38 10.37
N ALA A 91 26.55 -3.63 10.74
CA ALA A 91 26.36 -2.51 11.68
C ALA A 91 25.65 -1.34 11.03
N GLY A 92 26.05 -0.96 9.82
CA GLY A 92 25.57 0.27 9.22
C GLY A 92 24.11 0.17 8.78
N SER A 93 23.46 1.33 8.71
CA SER A 93 22.11 1.41 8.17
C SER A 93 22.16 1.65 6.67
N HIS A 94 21.23 1.04 5.95
CA HIS A 94 21.20 1.15 4.50
C HIS A 94 19.78 1.40 4.03
N THR A 95 19.66 2.14 2.93
CA THR A 95 18.38 2.58 2.40
C THR A 95 18.13 1.93 1.06
N VAL A 96 16.88 1.54 0.81
CA VAL A 96 16.45 0.93 -0.45
C VAL A 96 15.23 1.69 -0.95
N GLN A 97 15.27 2.12 -2.21
CA GLN A 97 14.18 2.90 -2.78
C GLN A 97 13.67 2.23 -4.05
N ARG A 98 12.36 2.32 -4.27
CA ARG A 98 11.75 1.78 -5.48
C ARG A 98 10.66 2.72 -5.95
N MET A 99 10.69 3.09 -7.23
CA MET A 99 9.69 3.99 -7.78
C MET A 99 9.15 3.39 -9.07
N TYR A 100 7.83 3.31 -9.20
CA TYR A 100 7.27 2.86 -10.47
C TYR A 100 5.94 3.54 -10.73
N GLY A 101 5.62 3.70 -12.01
CA GLY A 101 4.39 4.36 -12.38
C GLY A 101 4.28 4.52 -13.89
N CYS A 102 3.26 5.28 -14.29
CA CYS A 102 2.90 5.42 -15.69
C CYS A 102 2.46 6.86 -15.98
N ASP A 103 2.49 7.21 -17.26
CA ASP A 103 2.07 8.51 -17.76
C ASP A 103 1.03 8.33 -18.85
N VAL A 104 0.13 9.31 -18.96
CA VAL A 104 -0.86 9.36 -20.02
C VAL A 104 -0.85 10.75 -20.62
N GLY A 105 -1.01 10.83 -21.94
CA GLY A 105 -1.05 12.09 -22.63
C GLY A 105 -2.40 12.75 -22.54
N SER A 106 -2.54 13.87 -23.26
CA SER A 106 -3.82 14.58 -23.29
C SER A 106 -4.92 13.72 -23.88
N ASP A 107 -4.55 12.72 -24.69
CA ASP A 107 -5.49 11.76 -25.24
C ASP A 107 -5.78 10.60 -24.30
N TRP A 108 -5.15 10.59 -23.13
CA TRP A 108 -5.38 9.59 -22.09
C TRP A 108 -5.02 8.17 -22.52
N ARG A 109 -4.12 8.04 -23.50
CA ARG A 109 -3.53 6.74 -23.81
C ARG A 109 -2.16 6.63 -23.16
N PHE A 110 -1.64 5.39 -23.13
CA PHE A 110 -0.35 5.14 -22.52
C PHE A 110 0.75 5.89 -23.27
N LEU A 111 1.65 6.52 -22.52
CA LEU A 111 2.76 7.27 -23.11
C LEU A 111 4.12 6.87 -22.57
N ARG A 112 4.23 6.55 -21.28
CA ARG A 112 5.53 6.21 -20.73
C ARG A 112 5.31 5.39 -19.46
N GLY A 113 6.28 4.53 -19.16
CA GLY A 113 6.25 3.74 -17.94
C GLY A 113 7.56 3.64 -17.20
N TYR A 114 7.54 3.84 -15.89
CA TYR A 114 8.74 3.78 -15.06
C TYR A 114 8.80 2.69 -14.03
N HIS A 115 9.95 2.04 -13.93
CA HIS A 115 10.27 1.14 -12.82
C HIS A 115 11.75 1.27 -12.48
N GLN A 116 12.04 1.60 -11.22
CA GLN A 116 13.40 1.94 -10.84
C GLN A 116 13.67 1.46 -9.43
N TYR A 117 14.87 0.95 -9.20
CA TYR A 117 15.29 0.42 -7.92
C TYR A 117 16.68 0.95 -7.61
N ALA A 118 16.83 1.52 -6.41
CA ALA A 118 18.07 2.18 -6.02
C ALA A 118 18.50 1.70 -4.65
N TYR A 119 19.81 1.52 -4.49
CA TYR A 119 20.41 1.06 -3.24
C TYR A 119 21.37 2.13 -2.75
N ASP A 120 21.14 2.61 -1.52
CA ASP A 120 21.98 3.64 -0.90
C ASP A 120 22.05 4.90 -1.76
N GLY A 121 20.92 5.27 -2.36
CA GLY A 121 20.87 6.49 -3.13
C GLY A 121 21.52 6.46 -4.48
N LYS A 122 21.96 5.30 -4.94
CA LYS A 122 22.55 5.15 -6.26
C LYS A 122 21.71 4.18 -7.08
N ASP A 123 21.65 4.42 -8.39
CA ASP A 123 20.86 3.56 -9.27
C ASP A 123 21.34 2.12 -9.20
N TYR A 124 20.40 1.19 -9.05
CA TYR A 124 20.71 -0.23 -8.98
C TYR A 124 20.17 -0.99 -10.19
N ILE A 125 18.86 -0.93 -10.42
CA ILE A 125 18.23 -1.64 -11.53
C ILE A 125 17.11 -0.79 -12.08
N ALA A 126 17.16 -0.49 -13.38
CA ALA A 126 16.13 0.35 -13.99
C ALA A 126 15.52 -0.35 -15.19
N LEU A 127 14.21 -0.47 -15.21
CA LEU A 127 13.53 -0.95 -16.40
C LEU A 127 13.73 0.06 -17.54
N LYS A 128 14.07 -0.45 -18.72
CA LYS A 128 14.36 0.43 -19.83
C LYS A 128 13.07 0.99 -20.44
N GLU A 129 13.24 1.94 -21.36
CA GLU A 129 12.09 2.55 -22.01
C GLU A 129 11.34 1.58 -22.90
N ASP A 130 12.02 0.54 -23.40
CA ASP A 130 11.35 -0.46 -24.21
C ASP A 130 10.38 -1.29 -23.36
N LEU A 131 10.59 -1.30 -22.04
CA LEU A 131 9.76 -2.04 -21.09
C LEU A 131 9.85 -3.54 -21.31
N ARG A 132 11.00 -4.02 -21.82
CA ARG A 132 11.24 -5.45 -21.96
C ARG A 132 12.67 -5.83 -21.59
N SER A 133 13.41 -4.94 -20.94
CA SER A 133 14.81 -5.21 -20.61
C SER A 133 15.17 -4.42 -19.36
N TRP A 134 16.32 -4.75 -18.78
CA TRP A 134 16.78 -4.13 -17.55
C TRP A 134 18.10 -3.41 -17.79
N THR A 135 18.38 -2.44 -16.93
CA THR A 135 19.65 -1.71 -16.94
C THR A 135 20.29 -1.90 -15.57
N ALA A 136 21.49 -2.46 -15.56
CA ALA A 136 22.20 -2.83 -14.34
C ALA A 136 23.58 -2.20 -14.36
N ALA A 137 23.99 -1.63 -13.23
CA ALA A 137 25.23 -0.86 -13.17
C ALA A 137 26.40 -1.64 -12.57
N ASP A 138 26.28 -2.11 -11.33
CA ASP A 138 27.37 -2.74 -10.62
C ASP A 138 27.29 -4.26 -10.74
N MET A 139 28.19 -4.95 -10.05
CA MET A 139 28.32 -6.39 -10.22
C MET A 139 27.12 -7.13 -9.63
N ALA A 140 26.66 -6.72 -8.45
CA ALA A 140 25.48 -7.35 -7.87
C ALA A 140 24.24 -7.12 -8.72
N ALA A 141 24.22 -6.01 -9.47
CA ALA A 141 23.09 -5.75 -10.34
C ALA A 141 23.00 -6.76 -11.48
N GLN A 142 24.14 -7.31 -11.92
CA GLN A 142 24.09 -8.40 -12.89
C GLN A 142 23.36 -9.61 -12.33
N THR A 143 23.66 -9.98 -11.09
CA THR A 143 22.98 -11.11 -10.46
C THR A 143 21.50 -10.82 -10.29
N THR A 144 21.16 -9.59 -9.87
CA THR A 144 19.76 -9.24 -9.71
C THR A 144 19.02 -9.28 -11.04
N LYS A 145 19.66 -8.79 -12.11
CA LYS A 145 19.05 -8.84 -13.43
C LYS A 145 18.85 -10.27 -13.89
N HIS A 146 19.82 -11.14 -13.66
CA HIS A 146 19.67 -12.53 -14.07
C HIS A 146 18.56 -13.22 -13.30
N LYS A 147 18.48 -12.99 -11.99
CA LYS A 147 17.38 -13.56 -11.21
C LYS A 147 16.03 -13.05 -11.70
N TRP A 148 15.93 -11.75 -11.98
CA TRP A 148 14.67 -11.17 -12.42
C TRP A 148 14.28 -11.71 -13.80
N GLU A 149 15.25 -11.86 -14.69
CA GLU A 149 14.96 -12.43 -16.00
C GLU A 149 14.55 -13.89 -15.90
N ALA A 150 15.15 -14.63 -14.97
CA ALA A 150 14.70 -15.99 -14.71
C ALA A 150 13.28 -16.00 -14.15
N ALA A 151 12.90 -14.96 -13.43
CA ALA A 151 11.54 -14.87 -12.90
C ALA A 151 10.53 -14.32 -13.90
N HIS A 152 10.99 -13.82 -15.06
CA HIS A 152 10.10 -13.24 -16.07
C HIS A 152 9.24 -12.11 -15.49
N VAL A 153 9.85 -11.26 -14.66
CA VAL A 153 9.09 -10.18 -14.04
C VAL A 153 8.97 -8.97 -14.94
N ALA A 154 9.85 -8.84 -15.94
CA ALA A 154 9.76 -7.70 -16.85
C ALA A 154 8.45 -7.70 -17.62
N GLU A 155 8.01 -8.87 -18.08
CA GLU A 155 6.75 -8.96 -18.81
C GLU A 155 5.57 -8.60 -17.92
N GLN A 156 5.57 -9.08 -16.68
CA GLN A 156 4.48 -8.76 -15.76
C GLN A 156 4.44 -7.26 -15.46
N LEU A 157 5.60 -6.66 -15.21
CA LEU A 157 5.64 -5.23 -14.94
C LEU A 157 5.19 -4.43 -16.15
N ARG A 158 5.61 -4.84 -17.35
CA ARG A 158 5.17 -4.16 -18.56
C ARG A 158 3.66 -4.24 -18.72
N ALA A 159 3.09 -5.43 -18.50
CA ALA A 159 1.65 -5.58 -18.60
C ALA A 159 0.94 -4.69 -17.59
N TYR A 160 1.42 -4.66 -16.35
CA TYR A 160 0.82 -3.79 -15.34
C TYR A 160 0.86 -2.34 -15.78
N LEU A 161 2.04 -1.85 -16.14
CA LEU A 161 2.19 -0.43 -16.48
C LEU A 161 1.34 -0.06 -17.67
N GLU A 162 1.25 -0.94 -18.67
CA GLU A 162 0.49 -0.61 -19.87
C GLU A 162 -1.01 -0.61 -19.59
N GLY A 163 -1.52 -1.66 -18.92
CA GLY A 163 -2.96 -1.72 -18.73
C GLY A 163 -3.51 -1.18 -17.43
N THR A 164 -3.05 -1.72 -16.31
CA THR A 164 -3.73 -1.47 -15.03
C THR A 164 -3.43 -0.06 -14.53
N CYS A 165 -2.17 0.35 -14.61
CA CYS A 165 -1.80 1.69 -14.16
C CYS A 165 -2.54 2.75 -14.95
N VAL A 166 -2.62 2.59 -16.28
CA VAL A 166 -3.28 3.57 -17.11
C VAL A 166 -4.78 3.58 -16.85
N GLU A 167 -5.41 2.41 -16.77
CA GLU A 167 -6.85 2.36 -16.53
C GLU A 167 -7.21 2.98 -15.19
N TRP A 168 -6.45 2.67 -14.15
CA TRP A 168 -6.79 3.22 -12.83
C TRP A 168 -6.39 4.68 -12.70
N LEU A 169 -5.39 5.15 -13.44
CA LEU A 169 -5.12 6.57 -13.51
C LEU A 169 -6.29 7.31 -14.14
N ARG A 170 -6.84 6.75 -15.21
CA ARG A 170 -8.02 7.34 -15.83
C ARG A 170 -9.19 7.38 -14.85
N ARG A 171 -9.39 6.29 -14.11
CA ARG A 171 -10.48 6.25 -13.14
C ARG A 171 -10.29 7.28 -12.03
N TYR A 172 -9.06 7.40 -11.50
CA TYR A 172 -8.80 8.38 -10.47
C TYR A 172 -9.02 9.81 -10.98
N LEU A 173 -8.55 10.10 -12.18
CA LEU A 173 -8.73 11.44 -12.74
C LEU A 173 -10.21 11.75 -12.95
N GLU A 174 -10.97 10.77 -13.43
CA GLU A 174 -12.41 10.99 -13.60
C GLU A 174 -13.09 11.24 -12.26
N ASN A 175 -12.71 10.48 -11.24
CA ASN A 175 -13.29 10.69 -9.91
C ASN A 175 -12.90 12.06 -9.35
N GLY A 176 -11.65 12.46 -9.54
CA GLY A 176 -11.17 13.71 -9.00
C GLY A 176 -11.11 14.82 -10.01
N LYS A 177 -12.13 14.92 -10.86
CA LYS A 177 -12.15 15.94 -11.91
C LYS A 177 -12.12 17.35 -11.32
N GLU A 178 -12.72 17.53 -10.15
CA GLU A 178 -12.78 18.85 -9.53
C GLU A 178 -11.39 19.33 -9.09
N THR A 179 -10.56 18.41 -8.61
CA THR A 179 -9.25 18.77 -8.07
C THR A 179 -8.11 18.42 -9.03
N LEU A 180 -8.03 17.16 -9.46
CA LEU A 180 -6.88 16.72 -10.24
C LEU A 180 -6.82 17.42 -11.60
N GLN A 181 -7.96 17.58 -12.27
CA GLN A 181 -8.01 18.24 -13.57
C GLN A 181 -8.32 19.73 -13.36
N ARG A 182 -7.33 20.43 -12.83
CA ARG A 182 -7.47 21.83 -12.48
C ARG A 182 -6.15 22.55 -12.67
N THR A 183 -6.21 23.74 -13.27
CA THR A 183 -5.06 24.62 -13.40
C THR A 183 -5.38 25.94 -12.70
N ASP A 184 -4.47 26.38 -11.85
CA ASP A 184 -4.62 27.65 -11.13
C ASP A 184 -3.60 28.64 -11.66
N ALA A 185 -4.07 29.82 -12.02
CA ALA A 185 -3.18 30.85 -12.53
C ALA A 185 -2.24 31.32 -11.42
N PRO A 186 -0.93 31.35 -11.66
CA PRO A 186 -0.01 31.80 -10.60
C PRO A 186 -0.18 33.29 -10.34
N LYS A 187 -0.49 33.63 -9.10
CA LYS A 187 -0.60 35.03 -8.70
C LYS A 187 0.81 35.59 -8.61
N THR A 188 1.12 36.56 -9.48
CA THR A 188 2.48 37.04 -9.64
C THR A 188 2.60 38.48 -9.17
N HIS A 189 3.67 38.78 -8.44
CA HIS A 189 3.92 40.15 -8.01
C HIS A 189 5.41 40.34 -7.73
N MET A 190 5.82 41.61 -7.72
CA MET A 190 7.23 41.99 -7.66
C MET A 190 7.52 42.72 -6.36
N THR A 191 8.68 42.42 -5.77
CA THR A 191 9.15 43.10 -4.57
C THR A 191 10.54 43.66 -4.82
N HIS A 192 10.74 44.92 -4.45
CA HIS A 192 11.99 45.62 -4.73
C HIS A 192 12.72 45.92 -3.42
N HIS A 193 14.01 45.63 -3.39
CA HIS A 193 14.82 45.85 -2.20
C HIS A 193 16.23 46.32 -2.57
N THR A 201 17.93 44.65 -5.71
CA THR A 201 17.49 43.29 -6.02
C THR A 201 15.97 43.22 -6.15
N LEU A 202 15.50 42.68 -7.26
CA LEU A 202 14.08 42.50 -7.52
C LEU A 202 13.74 41.03 -7.41
N ARG A 203 12.67 40.73 -6.66
CA ARG A 203 12.19 39.38 -6.47
C ARG A 203 10.82 39.24 -7.11
N CYS A 204 10.70 38.34 -8.07
CA CYS A 204 9.46 38.06 -8.76
C CYS A 204 8.84 36.80 -8.18
N TRP A 205 7.61 36.92 -7.68
CA TRP A 205 6.94 35.86 -6.94
C TRP A 205 5.78 35.34 -7.76
N ALA A 206 5.69 34.02 -7.87
CA ALA A 206 4.51 33.33 -8.39
C ALA A 206 3.99 32.44 -7.28
N LEU A 207 2.76 32.68 -6.84
CA LEU A 207 2.20 32.02 -5.68
C LEU A 207 0.87 31.36 -6.03
N SER A 208 0.60 30.24 -5.35
CA SER A 208 -0.68 29.56 -5.41
C SER A 208 -1.06 29.16 -6.84
N PHE A 209 -0.25 28.26 -7.40
CA PHE A 209 -0.50 27.73 -8.74
C PHE A 209 -0.46 26.21 -8.70
N TYR A 210 -1.01 25.60 -9.74
CA TYR A 210 -1.04 24.15 -9.91
C TYR A 210 -1.08 23.85 -11.39
N PRO A 211 -0.30 22.87 -11.86
CA PRO A 211 0.62 22.01 -11.11
C PRO A 211 1.95 22.69 -10.78
N ALA A 212 2.94 21.93 -10.34
CA ALA A 212 4.20 22.52 -9.90
C ALA A 212 5.06 23.03 -11.06
N GLU A 213 4.69 22.71 -12.29
CA GLU A 213 5.50 23.10 -13.44
C GLU A 213 5.29 24.57 -13.76
N ILE A 214 6.34 25.37 -13.60
CA ILE A 214 6.30 26.79 -13.96
C ILE A 214 7.69 27.16 -14.44
N THR A 215 7.79 28.25 -15.19
CA THR A 215 9.07 28.76 -15.65
C THR A 215 9.13 30.26 -15.42
N LEU A 216 10.03 30.69 -14.56
CA LEU A 216 10.27 32.11 -14.29
C LEU A 216 11.61 32.50 -14.89
N THR A 217 11.63 33.58 -15.65
CA THR A 217 12.88 34.05 -16.26
C THR A 217 12.99 35.56 -16.08
N TRP A 218 14.23 36.03 -16.12
CA TRP A 218 14.54 37.45 -15.98
C TRP A 218 15.31 37.88 -17.21
N GLN A 219 14.86 38.97 -17.85
CA GLN A 219 15.55 39.46 -19.03
C GLN A 219 15.88 40.94 -18.90
N ARG A 220 17.08 41.30 -19.33
CA ARG A 220 17.53 42.68 -19.44
C ARG A 220 17.61 43.03 -20.93
N ASP A 221 16.69 43.89 -21.39
CA ASP A 221 16.56 44.22 -22.80
C ASP A 221 16.32 42.97 -23.65
N GLY A 222 15.61 41.99 -23.08
CA GLY A 222 15.33 40.76 -23.78
C GLY A 222 16.56 39.90 -23.98
N GLU A 230 18.70 34.64 -8.65
CA GLU A 230 18.65 33.31 -8.06
C GLU A 230 17.27 32.70 -8.21
N LEU A 231 17.19 31.38 -8.07
CA LEU A 231 15.92 30.65 -8.16
C LEU A 231 15.81 29.69 -6.99
N VAL A 232 14.58 29.33 -6.66
CA VAL A 232 14.29 28.35 -5.62
C VAL A 232 13.40 27.27 -6.22
N GLU A 233 13.62 26.03 -5.80
CA GLU A 233 12.75 24.94 -6.22
C GLU A 233 11.33 25.19 -5.73
N THR A 234 10.36 24.84 -6.57
CA THR A 234 8.96 25.06 -6.23
C THR A 234 8.62 24.36 -4.92
N ARG A 235 8.13 25.11 -3.96
CA ARG A 235 7.82 24.58 -2.65
C ARG A 235 6.32 24.47 -2.46
N PRO A 236 5.83 23.38 -1.88
CA PRO A 236 4.39 23.25 -1.65
C PRO A 236 3.91 24.25 -0.62
N ALA A 237 2.85 24.98 -0.96
CA ALA A 237 2.25 25.88 0.01
C ALA A 237 1.59 25.13 1.15
N GLY A 238 1.27 23.85 0.95
CA GLY A 238 0.63 23.04 1.95
C GLY A 238 -0.87 22.85 1.73
N ASP A 239 -1.48 23.65 0.87
CA ASP A 239 -2.92 23.56 0.61
C ASP A 239 -3.21 23.15 -0.83
N GLY A 240 -2.33 22.33 -1.42
CA GLY A 240 -2.51 21.86 -2.77
C GLY A 240 -2.00 22.78 -3.85
N THR A 241 -1.40 23.91 -3.48
CA THR A 241 -0.81 24.84 -4.44
C THR A 241 0.66 25.03 -4.09
N PHE A 242 1.40 25.64 -5.01
CA PHE A 242 2.84 25.78 -4.88
C PHE A 242 3.24 27.24 -4.96
N GLN A 243 4.48 27.51 -4.54
CA GLN A 243 5.06 28.84 -4.61
C GLN A 243 6.44 28.76 -5.26
N LYS A 244 6.88 29.89 -5.78
CA LYS A 244 8.22 30.00 -6.34
C LYS A 244 8.55 31.48 -6.49
N TRP A 245 9.85 31.78 -6.49
CA TRP A 245 10.28 33.14 -6.74
C TRP A 245 11.66 33.14 -7.37
N ALA A 246 11.94 34.19 -8.14
CA ALA A 246 13.22 34.37 -8.80
C ALA A 246 13.70 35.79 -8.54
N ALA A 247 14.93 35.93 -8.03
CA ALA A 247 15.47 37.23 -7.67
C ALA A 247 16.71 37.52 -8.49
N VAL A 248 16.82 38.76 -8.95
CA VAL A 248 17.99 39.23 -9.69
C VAL A 248 18.45 40.54 -9.08
N VAL A 249 19.76 40.72 -8.97
CA VAL A 249 20.34 41.87 -8.27
C VAL A 249 20.73 42.92 -9.29
N VAL A 250 20.20 44.12 -9.12
CA VAL A 250 20.60 45.27 -9.94
C VAL A 250 20.96 46.44 -9.03
N TYR A 258 14.71 45.20 -17.71
CA TYR A 258 14.59 44.18 -16.69
C TYR A 258 13.12 43.80 -16.46
N THR A 259 12.71 42.67 -17.00
CA THR A 259 11.35 42.16 -16.82
C THR A 259 11.39 40.71 -16.37
N CYS A 260 10.45 40.36 -15.51
CA CYS A 260 10.24 38.99 -15.08
C CYS A 260 9.11 38.38 -15.89
N HIS A 261 9.38 37.27 -16.57
CA HIS A 261 8.40 36.59 -17.38
C HIS A 261 8.06 35.24 -16.75
N VAL A 262 6.77 35.02 -16.54
CA VAL A 262 6.25 33.83 -15.89
C VAL A 262 5.42 33.04 -16.91
N GLN A 263 5.78 31.78 -17.10
CA GLN A 263 5.11 30.90 -18.03
C GLN A 263 4.56 29.70 -17.28
N HIS A 264 3.27 29.45 -17.42
CA HIS A 264 2.59 28.39 -16.69
C HIS A 264 1.59 27.71 -17.61
N GLU A 265 1.24 26.47 -17.26
CA GLU A 265 0.22 25.74 -18.03
C GLU A 265 -1.13 26.44 -17.96
N GLY A 266 -1.48 26.97 -16.79
CA GLY A 266 -2.75 27.62 -16.61
C GLY A 266 -2.85 29.03 -17.13
N LEU A 267 -1.76 29.57 -17.68
CA LEU A 267 -1.76 30.91 -18.25
C LEU A 267 -2.04 30.83 -19.74
N PRO A 268 -3.11 31.46 -20.24
CA PRO A 268 -3.29 31.53 -21.71
C PRO A 268 -2.08 32.13 -22.42
N LYS A 269 -1.47 33.16 -21.84
CA LYS A 269 -0.24 33.74 -22.37
C LYS A 269 0.66 34.10 -21.20
N PRO A 270 1.98 33.95 -21.34
CA PRO A 270 2.88 34.24 -20.23
C PRO A 270 2.80 35.70 -19.81
N LEU A 271 3.02 35.95 -18.53
CA LEU A 271 2.90 37.27 -17.94
C LEU A 271 4.27 37.93 -17.82
N THR A 272 4.31 39.24 -18.04
CA THR A 272 5.53 40.01 -17.90
C THR A 272 5.33 41.10 -16.86
N LEU A 273 6.31 41.26 -15.97
CA LEU A 273 6.23 42.21 -14.87
C LEU A 273 7.48 43.08 -14.85
N ARG A 274 7.28 44.39 -14.74
CA ARG A 274 8.33 45.38 -14.61
C ARG A 274 7.99 46.31 -13.45
N TRP A 275 9.02 46.74 -12.73
CA TRP A 275 8.84 47.58 -11.55
C TRP A 275 8.20 48.93 -11.88
N ILE B 3 27.84 9.44 -0.58
CA ILE B 3 26.43 9.52 -0.95
C ILE B 3 25.70 10.49 -0.04
N GLN B 4 26.40 11.00 0.97
CA GLN B 4 25.82 11.99 1.87
C GLN B 4 25.46 13.27 1.11
N ARG B 5 24.27 13.80 1.40
CA ARG B 5 23.79 15.03 0.79
C ARG B 5 23.30 16.04 1.81
N THR B 6 23.72 17.28 1.65
CA THR B 6 23.33 18.35 2.56
C THR B 6 21.92 18.82 2.20
N PRO B 7 20.98 18.80 3.14
CA PRO B 7 19.62 19.25 2.82
C PRO B 7 19.56 20.73 2.52
N LYS B 8 18.59 21.11 1.70
CA LYS B 8 18.30 22.50 1.38
C LYS B 8 17.02 22.91 2.10
N ILE B 9 17.07 24.03 2.81
CA ILE B 9 16.04 24.43 3.75
C ILE B 9 15.38 25.72 3.26
N GLN B 10 14.06 25.74 3.25
CA GLN B 10 13.29 26.93 2.88
C GLN B 10 12.19 27.14 3.90
N VAL B 11 12.13 28.34 4.48
CA VAL B 11 11.12 28.68 5.48
C VAL B 11 10.20 29.73 4.89
N TYR B 12 8.89 29.48 4.98
CA TYR B 12 7.93 30.37 4.32
C TYR B 12 6.55 30.20 4.94
N SER B 13 5.70 31.19 4.69
CA SER B 13 4.31 31.11 5.12
C SER B 13 3.44 30.58 3.98
N ARG B 14 2.35 29.91 4.35
CA ARG B 14 1.42 29.39 3.34
C ARG B 14 0.76 30.53 2.56
N HIS B 15 0.35 31.58 3.26
CA HIS B 15 -0.27 32.76 2.68
C HIS B 15 0.61 33.97 2.99
N PRO B 16 0.50 35.04 2.21
CA PRO B 16 1.36 36.22 2.46
C PRO B 16 1.16 36.74 3.88
N ALA B 17 2.26 36.77 4.63
CA ALA B 17 2.19 37.03 6.06
C ALA B 17 1.64 38.42 6.34
N GLU B 18 0.69 38.48 7.28
CA GLU B 18 0.11 39.74 7.72
C GLU B 18 -0.01 39.70 9.24
N ASN B 19 0.29 40.81 9.89
CA ASN B 19 0.26 40.85 11.34
C ASN B 19 -1.16 40.61 11.85
N GLY B 20 -1.27 39.77 12.88
CA GLY B 20 -2.57 39.43 13.43
C GLY B 20 -3.47 38.66 12.49
N LYS B 21 -2.93 37.67 11.78
CA LYS B 21 -3.69 36.85 10.85
C LYS B 21 -3.24 35.41 10.99
N SER B 22 -4.21 34.49 10.95
CA SER B 22 -3.88 33.07 11.00
C SER B 22 -3.14 32.65 9.74
N ASN B 23 -2.09 31.86 9.91
CA ASN B 23 -1.27 31.41 8.79
C ASN B 23 -0.55 30.13 9.20
N PHE B 24 0.19 29.57 8.25
CA PHE B 24 0.93 28.34 8.47
C PHE B 24 2.39 28.58 8.15
N LEU B 25 3.26 28.26 9.10
CA LEU B 25 4.70 28.34 8.90
C LEU B 25 5.21 26.99 8.45
N ASN B 26 5.92 26.97 7.32
CA ASN B 26 6.39 25.73 6.71
C ASN B 26 7.90 25.79 6.57
N CYS B 27 8.56 24.68 6.89
CA CYS B 27 9.96 24.45 6.59
C CYS B 27 10.04 23.28 5.62
N TYR B 28 10.64 23.51 4.47
CA TYR B 28 10.77 22.52 3.40
C TYR B 28 12.23 22.13 3.31
N VAL B 29 12.51 20.84 3.52
CA VAL B 29 13.87 20.31 3.44
C VAL B 29 13.91 19.36 2.25
N SER B 30 14.80 19.63 1.30
CA SER B 30 14.83 18.87 0.07
C SER B 30 16.26 18.46 -0.28
N GLY B 31 16.39 17.32 -0.93
CA GLY B 31 17.68 16.87 -1.43
C GLY B 31 18.68 16.47 -0.37
N PHE B 32 18.35 15.49 0.45
CA PHE B 32 19.27 14.98 1.46
C PHE B 32 19.28 13.46 1.43
N HIS B 33 20.35 12.88 1.98
CA HIS B 33 20.53 11.45 2.07
C HIS B 33 21.49 11.21 3.23
N PRO B 34 21.18 10.27 4.14
CA PRO B 34 20.05 9.34 4.17
C PRO B 34 18.73 9.97 4.58
N SER B 35 17.72 9.14 4.80
CA SER B 35 16.36 9.64 5.01
C SER B 35 16.18 10.37 6.34
N ASP B 36 16.86 9.88 7.38
CA ASP B 36 16.72 10.45 8.74
C ASP B 36 17.10 11.93 8.75
N ILE B 37 16.36 12.74 9.51
CA ILE B 37 16.67 14.17 9.63
C ILE B 37 15.83 14.72 10.77
N GLU B 38 16.31 15.78 11.43
CA GLU B 38 15.58 16.40 12.53
C GLU B 38 15.22 17.83 12.14
N VAL B 39 13.92 18.10 11.98
CA VAL B 39 13.43 19.42 11.59
C VAL B 39 12.46 19.91 12.65
N ASP B 40 12.83 20.99 13.34
CA ASP B 40 12.01 21.58 14.39
C ASP B 40 11.75 23.04 14.08
N LEU B 41 10.48 23.44 14.08
CA LEU B 41 10.12 24.84 13.97
C LEU B 41 10.09 25.46 15.36
N LEU B 42 10.82 26.56 15.54
CA LEU B 42 10.95 27.18 16.85
C LEU B 42 10.57 28.66 16.79
N LYS B 43 9.86 29.11 17.81
CA LYS B 43 9.42 30.49 17.94
C LYS B 43 10.20 31.14 19.07
N ASN B 44 10.89 32.24 18.75
CA ASN B 44 11.74 32.95 19.72
C ASN B 44 12.76 32.02 20.36
N GLY B 45 13.24 31.04 19.59
CA GLY B 45 14.18 30.06 20.09
C GLY B 45 13.57 28.91 20.86
N GLU B 46 12.25 28.85 20.97
CA GLU B 46 11.56 27.78 21.69
C GLU B 46 10.81 26.91 20.69
N ARG B 47 11.06 25.60 20.75
CA ARG B 47 10.46 24.69 19.78
C ARG B 47 8.96 24.58 19.97
N ILE B 48 8.23 24.52 18.87
CA ILE B 48 6.78 24.32 18.88
C ILE B 48 6.50 22.83 18.90
N GLU B 49 5.69 22.39 19.87
CA GLU B 49 5.43 20.97 20.03
C GLU B 49 4.38 20.43 19.07
N LYS B 50 3.62 21.29 18.41
CA LYS B 50 2.54 20.87 17.53
C LYS B 50 2.95 20.79 16.07
N VAL B 51 4.17 20.33 15.78
CA VAL B 51 4.62 20.20 14.41
C VAL B 51 4.00 18.95 13.79
N GLU B 52 3.45 19.08 12.58
CA GLU B 52 3.01 17.96 11.79
C GLU B 52 3.70 18.02 10.44
N HIS B 53 4.28 16.90 10.02
CA HIS B 53 5.11 16.84 8.83
C HIS B 53 4.46 15.97 7.76
N SER B 54 4.68 16.35 6.50
CA SER B 54 4.24 15.50 5.41
C SER B 54 5.05 14.22 5.39
N ASP B 55 4.45 13.17 4.86
CA ASP B 55 5.07 11.86 4.98
C ASP B 55 6.13 11.69 3.88
N LEU B 56 7.11 10.83 4.15
CA LEU B 56 8.35 10.80 3.39
C LEU B 56 8.13 10.46 1.92
N SER B 57 8.92 11.10 1.06
CA SER B 57 8.94 10.81 -0.37
C SER B 57 10.33 11.18 -0.89
N PHE B 58 10.50 11.09 -2.21
CA PHE B 58 11.77 11.47 -2.83
C PHE B 58 11.54 11.83 -4.28
N SER B 59 12.57 12.46 -4.87
CA SER B 59 12.54 12.88 -6.27
C SER B 59 13.24 11.85 -7.14
N LYS B 60 13.47 12.21 -8.42
CA LYS B 60 14.07 11.26 -9.35
C LYS B 60 15.49 10.88 -8.93
N ASP B 61 16.25 11.85 -8.45
CA ASP B 61 17.65 11.60 -8.09
C ASP B 61 17.81 10.89 -6.75
N TRP B 62 16.73 10.32 -6.21
CA TRP B 62 16.72 9.46 -5.03
C TRP B 62 16.99 10.22 -3.74
N SER B 63 16.84 11.54 -3.73
CA SER B 63 16.98 12.33 -2.51
C SER B 63 15.60 12.70 -1.99
N PHE B 64 15.46 12.74 -0.67
CA PHE B 64 14.17 12.89 -0.03
C PHE B 64 13.79 14.36 0.13
N TYR B 65 12.56 14.59 0.58
CA TYR B 65 12.12 15.91 0.97
C TYR B 65 10.98 15.78 1.98
N LEU B 66 10.83 16.81 2.81
CA LEU B 66 9.84 16.83 3.86
C LEU B 66 9.34 18.26 4.06
N LEU B 67 8.11 18.37 4.53
CA LEU B 67 7.48 19.66 4.81
C LEU B 67 6.91 19.64 6.21
N TYR B 68 7.46 20.49 7.09
CA TYR B 68 7.03 20.59 8.48
C TYR B 68 6.29 21.91 8.63
N TYR B 69 4.99 21.84 8.94
CA TYR B 69 4.15 23.03 8.95
C TYR B 69 3.36 23.11 10.25
N THR B 70 3.19 24.33 10.77
CA THR B 70 2.39 24.56 11.97
C THR B 70 1.51 25.79 11.82
N GLU B 71 0.47 25.85 12.65
CA GLU B 71 -0.32 27.06 12.81
C GLU B 71 0.51 28.15 13.49
N PHE B 72 0.29 29.39 13.08
CA PHE B 72 0.92 30.54 13.73
C PHE B 72 0.23 31.81 13.28
N THR B 73 0.69 32.94 13.82
CA THR B 73 0.18 34.27 13.51
C THR B 73 1.35 35.26 13.47
N PRO B 74 1.74 35.74 12.29
CA PRO B 74 2.86 36.67 12.12
C PRO B 74 2.72 37.95 12.93
N GLU B 79 10.84 35.98 16.70
CA GLU B 79 10.97 35.50 15.33
C GLU B 79 10.79 33.99 15.27
N TYR B 80 10.26 33.51 14.14
CA TYR B 80 10.11 32.08 13.89
C TYR B 80 11.27 31.61 13.02
N ALA B 81 11.64 30.35 13.17
CA ALA B 81 12.75 29.81 12.40
C ALA B 81 12.63 28.29 12.35
N CYS B 82 13.44 27.69 11.48
CA CYS B 82 13.46 26.25 11.29
C CYS B 82 14.88 25.75 11.56
N ARG B 83 15.00 24.74 12.43
CA ARG B 83 16.28 24.16 12.78
C ARG B 83 16.36 22.75 12.21
N VAL B 84 17.43 22.48 11.47
CA VAL B 84 17.62 21.22 10.77
C VAL B 84 18.92 20.60 11.24
N ASN B 85 18.87 19.32 11.61
CA ASN B 85 20.02 18.55 12.04
C ASN B 85 20.12 17.30 11.18
N HIS B 86 21.32 17.04 10.66
CA HIS B 86 21.54 15.97 9.70
C HIS B 86 22.99 15.51 9.83
N VAL B 87 23.28 14.35 9.22
CA VAL B 87 24.62 13.77 9.32
C VAL B 87 25.66 14.66 8.66
N THR B 88 25.34 15.21 7.49
CA THR B 88 26.29 16.08 6.80
C THR B 88 26.58 17.35 7.58
N LEU B 89 25.57 17.94 8.21
CA LEU B 89 25.75 19.17 8.97
C LEU B 89 26.49 18.86 10.27
N SER B 90 27.68 19.44 10.43
CA SER B 90 28.43 19.27 11.66
C SER B 90 27.68 19.84 12.86
N GLN B 91 27.08 21.02 12.69
CA GLN B 91 26.31 21.69 13.71
C GLN B 91 24.91 21.93 13.17
N PRO B 92 23.87 21.84 14.00
CA PRO B 92 22.51 22.09 13.51
C PRO B 92 22.41 23.47 12.89
N LYS B 93 21.71 23.54 11.76
CA LYS B 93 21.59 24.76 10.97
C LYS B 93 20.23 25.38 11.20
N ILE B 94 20.21 26.64 11.60
CA ILE B 94 18.98 27.38 11.82
C ILE B 94 18.80 28.36 10.66
N VAL B 95 17.59 28.39 10.11
CA VAL B 95 17.22 29.34 9.06
C VAL B 95 16.08 30.16 9.60
N LYS B 96 16.27 31.48 9.66
CA LYS B 96 15.29 32.36 10.27
C LYS B 96 14.23 32.75 9.26
N TRP B 97 12.96 32.56 9.62
CA TRP B 97 11.87 32.99 8.78
C TRP B 97 11.83 34.51 8.71
N ASP B 98 11.44 35.02 7.55
CA ASP B 98 11.26 36.45 7.36
C ASP B 98 10.18 36.69 6.31
N ARG B 99 9.52 37.85 6.41
CA ARG B 99 8.42 38.15 5.51
C ARG B 99 8.92 38.36 4.08
N ASP B 100 9.98 39.13 3.92
CA ASP B 100 10.56 39.36 2.60
C ASP B 100 11.50 38.22 2.18
N MET B 101 11.05 37.43 1.20
CA MET B 101 11.66 36.15 0.84
C MET B 101 11.57 35.17 2.00
N LYS C 1 -3.52 1.66 -8.64
CA LYS C 1 -3.34 0.52 -7.76
C LYS C 1 -1.90 0.00 -7.81
N LEU C 2 -1.45 -0.60 -6.72
CA LEU C 2 -0.12 -1.18 -6.68
C LEU C 2 -0.06 -2.44 -7.52
N VAL C 3 1.16 -2.77 -7.95
CA VAL C 3 1.38 -3.97 -8.74
C VAL C 3 1.33 -5.19 -7.83
N VAL C 4 0.81 -6.30 -8.35
CA VAL C 4 0.71 -7.52 -7.57
C VAL C 4 1.93 -8.39 -7.81
N VAL C 5 2.11 -8.83 -9.06
CA VAL C 5 3.25 -9.64 -9.45
C VAL C 5 4.32 -8.73 -10.02
N GLY C 6 5.58 -9.06 -9.73
CA GLY C 6 6.70 -8.23 -10.11
C GLY C 6 7.27 -7.39 -8.98
N ALA C 7 6.58 -7.31 -7.85
CA ALA C 7 7.13 -6.63 -6.68
C ALA C 7 8.35 -7.34 -6.12
N CYS C 8 8.54 -8.62 -6.45
CA CYS C 8 9.70 -9.36 -5.98
C CYS C 8 10.97 -8.69 -6.44
N GLY C 9 11.91 -8.48 -5.51
CA GLY C 9 13.08 -7.68 -5.76
C GLY C 9 14.35 -8.44 -5.45
N VAL C 10 15.43 -8.00 -6.11
CA VAL C 10 16.78 -8.49 -5.89
C VAL C 10 16.86 -10.02 -5.77
N ASP D 1 4.98 -17.79 2.71
CA ASP D 1 3.97 -18.65 3.31
C ASP D 1 3.72 -18.24 4.76
N ILE D 2 2.45 -18.20 5.15
CA ILE D 2 2.04 -17.87 6.52
C ILE D 2 1.47 -19.12 7.16
N VAL D 3 1.96 -19.46 8.34
CA VAL D 3 1.58 -20.67 9.06
C VAL D 3 0.91 -20.25 10.36
N MET D 4 -0.29 -20.77 10.61
CA MET D 4 -1.06 -20.47 11.81
C MET D 4 -1.21 -21.73 12.63
N THR D 5 -0.74 -21.70 13.87
CA THR D 5 -0.82 -22.82 14.80
C THR D 5 -1.83 -22.50 15.89
N GLN D 6 -2.77 -23.41 16.11
CA GLN D 6 -3.85 -23.22 17.07
C GLN D 6 -3.65 -24.11 18.28
N SER D 7 -3.93 -23.56 19.45
CA SER D 7 -3.82 -24.31 20.70
C SER D 7 -5.00 -23.96 21.61
N PRO D 8 -5.47 -24.93 22.39
CA PRO D 8 -5.08 -26.34 22.42
C PRO D 8 -5.73 -27.11 21.29
N ALA D 9 -5.32 -28.34 21.02
CA ALA D 9 -5.97 -29.12 19.97
C ALA D 9 -7.43 -29.39 20.31
N THR D 10 -7.72 -29.70 21.58
CA THR D 10 -9.07 -29.95 22.04
C THR D 10 -9.28 -29.26 23.39
N LEU D 11 -10.53 -28.93 23.67
CA LEU D 11 -10.91 -28.32 24.93
C LEU D 11 -12.02 -29.13 25.58
N SER D 12 -11.88 -29.41 26.86
CA SER D 12 -12.85 -30.19 27.63
C SER D 12 -13.33 -29.31 28.77
N LEU D 13 -14.44 -28.61 28.55
CA LEU D 13 -15.00 -27.70 29.53
C LEU D 13 -16.48 -27.98 29.74
N SER D 14 -16.90 -27.92 31.00
CA SER D 14 -18.31 -28.03 31.32
C SER D 14 -19.03 -26.76 30.90
N PRO D 15 -20.35 -26.83 30.67
CA PRO D 15 -21.09 -25.64 30.26
C PRO D 15 -21.03 -24.54 31.31
N GLY D 16 -20.94 -23.30 30.85
CA GLY D 16 -20.80 -22.15 31.73
C GLY D 16 -19.38 -21.75 32.04
N GLU D 17 -18.39 -22.52 31.60
CA GLU D 17 -16.99 -22.23 31.86
C GLU D 17 -16.28 -21.39 30.80
N ARG D 18 -15.32 -20.60 31.25
CA ARG D 18 -14.52 -19.80 30.31
C ARG D 18 -13.76 -20.63 29.29
N ALA D 19 -13.70 -20.13 28.06
CA ALA D 19 -12.99 -20.81 26.98
C ALA D 19 -12.03 -19.82 26.35
N THR D 20 -10.75 -20.20 26.28
CA THR D 20 -9.73 -19.37 25.65
C THR D 20 -8.99 -20.20 24.60
N LEU D 21 -8.93 -19.69 23.38
CA LEU D 21 -8.28 -20.35 22.26
C LEU D 21 -7.22 -19.42 21.69
N SER D 22 -6.08 -19.98 21.29
CA SER D 22 -4.95 -19.19 20.83
C SER D 22 -4.58 -19.57 19.40
N CYS D 23 -4.30 -18.56 18.59
CA CYS D 23 -3.84 -18.74 17.21
C CYS D 23 -2.58 -17.91 17.02
N ARG D 24 -1.48 -18.55 16.69
CA ARG D 24 -0.19 -17.90 16.52
C ARG D 24 0.23 -17.95 15.06
N ALA D 25 0.55 -16.79 14.50
CA ALA D 25 1.00 -16.67 13.12
C ALA D 25 2.51 -16.82 13.03
N SER D 26 2.97 -17.34 11.91
CA SER D 26 4.42 -17.52 11.71
C SER D 26 5.12 -16.17 11.61
N GLN D 27 4.46 -15.18 11.02
CA GLN D 27 5.02 -13.85 10.83
C GLN D 27 4.05 -12.81 11.34
N SER D 28 4.53 -11.56 11.42
CA SER D 28 3.69 -10.46 11.89
C SER D 28 2.54 -10.23 10.91
N LEU D 29 1.34 -10.06 11.46
CA LEU D 29 0.12 -9.97 10.68
C LEU D 29 -0.57 -8.63 10.94
N SER D 30 -1.21 -8.09 9.91
CA SER D 30 -2.11 -6.97 10.11
C SER D 30 -3.32 -7.43 10.90
N SER D 31 -3.67 -6.70 11.95
CA SER D 31 -4.77 -7.13 12.82
C SER D 31 -6.11 -7.10 12.12
N SER D 32 -6.20 -6.45 10.96
CA SER D 32 -7.48 -6.34 10.25
C SER D 32 -7.79 -7.56 9.41
N PHE D 33 -6.86 -8.49 9.27
CA PHE D 33 -7.05 -9.62 8.37
C PHE D 33 -7.28 -10.95 9.08
N LEU D 34 -7.30 -10.98 10.41
CA LEU D 34 -7.59 -12.22 11.11
C LEU D 34 -9.08 -12.37 11.38
N ALA D 35 -9.57 -13.61 11.29
CA ALA D 35 -10.97 -13.91 11.55
C ALA D 35 -11.06 -15.21 12.32
N TRP D 36 -12.18 -15.38 13.01
CA TRP D 36 -12.45 -16.58 13.82
C TRP D 36 -13.79 -17.15 13.38
N TYR D 37 -13.78 -18.42 13.00
CA TYR D 37 -14.94 -19.14 12.49
C TYR D 37 -15.34 -20.24 13.47
N GLN D 38 -16.64 -20.53 13.51
CA GLN D 38 -17.19 -21.66 14.25
C GLN D 38 -17.90 -22.59 13.28
N GLN D 39 -17.53 -23.87 13.30
CA GLN D 39 -18.14 -24.88 12.46
C GLN D 39 -18.81 -25.91 13.34
N LYS D 40 -20.12 -26.10 13.13
CA LYS D 40 -20.85 -27.18 13.75
C LYS D 40 -20.51 -28.49 13.05
N PRO D 41 -20.78 -29.63 13.69
CA PRO D 41 -20.44 -30.91 13.05
C PRO D 41 -21.11 -31.13 11.70
N GLY D 42 -22.32 -30.61 11.50
CA GLY D 42 -23.07 -30.88 10.29
C GLY D 42 -23.32 -29.73 9.35
N GLN D 43 -22.74 -28.55 9.58
CA GLN D 43 -23.00 -27.38 8.75
C GLN D 43 -21.70 -26.85 8.17
N ALA D 44 -21.81 -25.73 7.47
CA ALA D 44 -20.67 -24.99 6.96
C ALA D 44 -20.13 -24.04 8.03
N PRO D 45 -18.88 -23.61 7.91
CA PRO D 45 -18.33 -22.69 8.90
C PRO D 45 -19.10 -21.37 8.94
N ARG D 46 -19.16 -20.79 10.13
CA ARG D 46 -19.86 -19.54 10.36
C ARG D 46 -18.91 -18.53 10.98
N LEU D 47 -18.88 -17.33 10.42
CA LEU D 47 -17.94 -16.31 10.86
C LEU D 47 -18.38 -15.72 12.19
N LEU D 48 -17.51 -15.80 13.19
CA LEU D 48 -17.76 -15.18 14.49
C LEU D 48 -17.08 -13.81 14.58
N ILE D 49 -15.77 -13.78 14.39
CA ILE D 49 -14.98 -12.56 14.58
C ILE D 49 -14.31 -12.20 13.27
N TYR D 50 -14.33 -10.92 12.93
CA TYR D 50 -13.56 -10.40 11.81
C TYR D 50 -12.75 -9.21 12.27
N GLY D 51 -11.54 -9.06 11.74
CA GLY D 51 -10.65 -8.02 12.17
C GLY D 51 -10.01 -8.26 13.52
N ALA D 52 -10.11 -9.48 14.04
CA ALA D 52 -9.46 -9.92 15.28
C ALA D 52 -10.08 -9.30 16.51
N SER D 53 -10.96 -8.32 16.34
CA SER D 53 -11.64 -7.70 17.49
C SER D 53 -13.12 -7.45 17.28
N SER D 54 -13.64 -7.49 16.06
CA SER D 54 -15.02 -7.08 15.78
C SER D 54 -15.89 -8.31 15.57
N ARG D 55 -17.02 -8.34 16.26
CA ARG D 55 -17.99 -9.42 16.10
C ARG D 55 -18.83 -9.19 14.86
N ALA D 56 -19.29 -10.28 14.24
CA ALA D 56 -20.12 -10.19 13.07
C ALA D 56 -21.57 -9.88 13.47
N THR D 57 -22.46 -9.94 12.49
CA THR D 57 -23.87 -9.67 12.75
C THR D 57 -24.53 -10.88 13.40
N GLY D 58 -25.29 -10.60 14.46
CA GLY D 58 -26.01 -11.66 15.17
C GLY D 58 -25.11 -12.64 15.89
N ILE D 59 -24.05 -12.16 16.53
CA ILE D 59 -23.14 -12.99 17.30
C ILE D 59 -23.32 -12.64 18.78
N PRO D 60 -23.46 -13.63 19.66
CA PRO D 60 -23.69 -13.31 21.08
C PRO D 60 -22.52 -12.56 21.69
N ASP D 61 -22.83 -11.79 22.73
CA ASP D 61 -21.83 -10.94 23.37
C ASP D 61 -20.68 -11.72 24.00
N ARG D 62 -20.87 -13.01 24.26
CA ARG D 62 -19.85 -13.78 24.96
C ARG D 62 -18.60 -13.96 24.12
N PHE D 63 -18.72 -13.99 22.79
CA PHE D 63 -17.56 -14.13 21.93
C PHE D 63 -16.78 -12.83 21.87
N SER D 64 -15.47 -12.91 22.06
CA SER D 64 -14.63 -11.73 21.92
C SER D 64 -13.27 -12.14 21.37
N GLY D 65 -12.64 -11.24 20.65
CA GLY D 65 -11.33 -11.49 20.10
C GLY D 65 -10.34 -10.42 20.53
N SER D 66 -9.09 -10.83 20.68
CA SER D 66 -8.05 -9.92 21.14
C SER D 66 -6.71 -10.36 20.60
N GLY D 67 -5.72 -9.50 20.74
CA GLY D 67 -4.36 -9.78 20.33
C GLY D 67 -3.98 -9.01 19.07
N SER D 68 -2.67 -9.01 18.81
CA SER D 68 -2.14 -8.34 17.64
C SER D 68 -0.74 -8.88 17.36
N GLY D 69 -0.27 -8.64 16.14
CA GLY D 69 1.03 -9.10 15.73
C GLY D 69 1.05 -10.56 15.31
N THR D 70 1.61 -11.42 16.15
CA THR D 70 1.68 -12.84 15.84
C THR D 70 0.67 -13.67 16.62
N ASP D 71 0.37 -13.29 17.86
CA ASP D 71 -0.49 -14.09 18.73
C ASP D 71 -1.86 -13.43 18.86
N PHE D 72 -2.90 -14.25 18.73
CA PHE D 72 -4.28 -13.79 18.86
C PHE D 72 -5.04 -14.77 19.74
N THR D 73 -6.10 -14.30 20.38
CA THR D 73 -6.90 -15.13 21.26
C THR D 73 -8.38 -14.87 21.03
N LEU D 74 -9.16 -15.93 21.19
CA LEU D 74 -10.62 -15.86 21.16
C LEU D 74 -11.13 -16.36 22.50
N THR D 75 -12.03 -15.59 23.11
CA THR D 75 -12.56 -15.89 24.44
C THR D 75 -14.07 -16.00 24.38
N ILE D 76 -14.59 -17.10 24.95
CA ILE D 76 -16.02 -17.26 25.21
C ILE D 76 -16.21 -17.09 26.71
N SER D 77 -16.93 -16.04 27.10
CA SER D 77 -17.06 -15.71 28.51
C SER D 77 -17.83 -16.77 29.27
N ARG D 78 -18.99 -17.18 28.75
CA ARG D 78 -19.80 -18.22 29.38
C ARG D 78 -20.21 -19.21 28.31
N LEU D 79 -19.70 -20.44 28.40
CA LEU D 79 -20.05 -21.46 27.44
C LEU D 79 -21.53 -21.77 27.51
N GLU D 80 -22.12 -22.07 26.36
CA GLU D 80 -23.51 -22.44 26.22
C GLU D 80 -23.58 -23.80 25.54
N PRO D 81 -24.68 -24.53 25.72
CA PRO D 81 -24.77 -25.86 25.07
C PRO D 81 -24.60 -25.82 23.56
N GLU D 82 -25.01 -24.74 22.92
CA GLU D 82 -24.83 -24.57 21.48
C GLU D 82 -23.44 -24.10 21.10
N ASP D 83 -22.61 -23.72 22.08
CA ASP D 83 -21.28 -23.21 21.76
C ASP D 83 -20.26 -24.31 21.53
N PHE D 84 -20.65 -25.57 21.64
CA PHE D 84 -19.70 -26.68 21.50
C PHE D 84 -19.58 -27.05 20.02
N ALA D 85 -18.45 -26.69 19.41
CA ALA D 85 -18.21 -26.86 17.99
C ALA D 85 -16.71 -26.79 17.76
N VAL D 86 -16.29 -26.68 16.50
CA VAL D 86 -14.87 -26.60 16.17
C VAL D 86 -14.57 -25.18 15.70
N TYR D 87 -13.55 -24.56 16.30
CA TYR D 87 -13.22 -23.17 16.05
C TYR D 87 -11.93 -23.07 15.27
N TYR D 88 -11.95 -22.31 14.18
CA TYR D 88 -10.79 -22.10 13.32
C TYR D 88 -10.40 -20.63 13.30
N CYS D 89 -9.11 -20.39 13.11
CA CYS D 89 -8.57 -19.05 12.91
C CYS D 89 -8.08 -18.93 11.48
N GLN D 90 -8.36 -17.79 10.86
CA GLN D 90 -8.08 -17.58 9.45
C GLN D 90 -7.34 -16.27 9.26
N GLN D 91 -6.36 -16.28 8.37
CA GLN D 91 -5.68 -15.05 7.94
C GLN D 91 -5.96 -14.83 6.46
N SER D 92 -6.11 -13.57 6.07
CA SER D 92 -6.39 -13.22 4.69
C SER D 92 -5.42 -12.17 4.15
N GLU D 93 -4.34 -11.88 4.86
CA GLU D 93 -3.36 -10.92 4.38
C GLU D 93 -2.71 -11.40 3.09
N SER D 94 -2.36 -12.68 3.04
CA SER D 94 -1.79 -13.29 1.85
C SER D 94 -2.48 -14.62 1.63
N ALA D 95 -3.27 -14.72 0.57
CA ALA D 95 -4.03 -15.92 0.21
C ALA D 95 -5.01 -16.19 1.34
N LEU D 96 -5.02 -17.40 1.92
CA LEU D 96 -5.86 -17.73 3.06
C LEU D 96 -5.20 -18.89 3.78
N THR D 97 -5.35 -18.93 5.10
CA THR D 97 -4.72 -19.99 5.88
C THR D 97 -5.54 -20.22 7.14
N PHE D 98 -6.18 -21.38 7.24
CA PHE D 98 -6.96 -21.75 8.40
C PHE D 98 -6.09 -22.49 9.39
N GLY D 99 -6.37 -22.31 10.67
CA GLY D 99 -5.66 -23.05 11.69
C GLY D 99 -6.10 -24.51 11.73
N GLY D 100 -5.46 -25.26 12.62
CA GLY D 100 -5.82 -26.66 12.77
C GLY D 100 -7.23 -26.85 13.26
N GLY D 101 -7.66 -26.02 14.21
CA GLY D 101 -9.01 -26.11 14.73
C GLY D 101 -9.06 -26.69 16.12
N THR D 102 -9.70 -26.00 17.04
CA THR D 102 -9.83 -26.43 18.44
C THR D 102 -11.26 -26.87 18.69
N LYS D 103 -11.45 -28.14 19.00
CA LYS D 103 -12.76 -28.70 19.26
C LYS D 103 -13.03 -28.69 20.75
N VAL D 104 -14.11 -28.04 21.15
CA VAL D 104 -14.50 -27.95 22.55
C VAL D 104 -15.61 -28.96 22.81
N GLU D 105 -15.43 -29.78 23.84
CA GLU D 105 -16.39 -30.82 24.18
C GLU D 105 -16.64 -30.83 25.68
N ILE D 106 -17.82 -31.33 26.06
CA ILE D 106 -18.19 -31.37 27.46
C ILE D 106 -17.42 -32.46 28.18
N LYS D 107 -17.02 -32.19 29.42
CA LYS D 107 -16.26 -33.15 30.20
C LYS D 107 -17.13 -34.34 30.59
N GLU E 1 -31.48 -11.85 -1.12
CA GLU E 1 -30.82 -12.84 -0.28
C GLU E 1 -29.53 -13.33 -0.93
N VAL E 2 -28.42 -13.19 -0.20
CA VAL E 2 -27.14 -13.67 -0.69
C VAL E 2 -27.11 -15.19 -0.63
N GLN E 3 -26.56 -15.81 -1.67
CA GLN E 3 -26.60 -17.25 -1.78
C GLN E 3 -25.51 -17.73 -2.74
N LEU E 4 -24.83 -18.81 -2.35
CA LEU E 4 -23.83 -19.47 -3.18
C LEU E 4 -24.23 -20.93 -3.31
N LEU E 5 -24.30 -21.42 -4.55
CA LEU E 5 -24.77 -22.78 -4.83
C LEU E 5 -23.74 -23.49 -5.69
N GLU E 6 -23.28 -24.65 -5.25
CA GLU E 6 -22.24 -25.40 -5.93
C GLU E 6 -22.77 -26.71 -6.48
N SER E 7 -22.32 -27.05 -7.68
CA SER E 7 -22.72 -28.28 -8.35
C SER E 7 -21.52 -28.87 -9.07
N GLY E 8 -21.58 -30.18 -9.30
CA GLY E 8 -20.52 -30.89 -9.98
C GLY E 8 -19.76 -31.89 -9.15
N GLY E 9 -20.21 -32.19 -7.94
CA GLY E 9 -19.51 -33.12 -7.06
C GLY E 9 -20.06 -34.53 -7.19
N GLY E 10 -19.18 -35.50 -6.97
CA GLY E 10 -19.57 -36.89 -7.04
C GLY E 10 -18.36 -37.80 -6.92
N VAL E 11 -18.61 -39.09 -7.13
CA VAL E 11 -17.54 -40.07 -7.08
C VAL E 11 -16.77 -40.05 -8.40
N VAL E 12 -15.44 -40.04 -8.29
CA VAL E 12 -14.57 -39.99 -9.46
C VAL E 12 -13.42 -40.97 -9.25
N GLN E 13 -13.04 -41.68 -10.31
CA GLN E 13 -11.86 -42.53 -10.26
C GLN E 13 -10.60 -41.68 -10.31
N PRO E 14 -9.48 -42.20 -9.81
CA PRO E 14 -8.24 -41.41 -9.83
C PRO E 14 -7.78 -41.11 -11.25
N GLY E 15 -7.06 -40.00 -11.39
CA GLY E 15 -6.51 -39.62 -12.67
C GLY E 15 -7.48 -38.98 -13.64
N ARG E 16 -8.67 -38.59 -13.18
CA ARG E 16 -9.68 -38.03 -14.05
C ARG E 16 -10.07 -36.63 -13.56
N SER E 17 -10.52 -35.80 -14.49
CA SER E 17 -10.84 -34.42 -14.19
C SER E 17 -12.30 -34.26 -13.78
N LEU E 18 -12.55 -33.26 -12.93
CA LEU E 18 -13.89 -32.91 -12.50
C LEU E 18 -14.05 -31.40 -12.53
N ARG E 19 -15.27 -30.93 -12.75
CA ARG E 19 -15.55 -29.51 -12.81
C ARG E 19 -16.57 -29.14 -11.74
N LEU E 20 -16.29 -28.09 -10.99
CA LEU E 20 -17.19 -27.56 -9.97
C LEU E 20 -17.63 -26.16 -10.37
N SER E 21 -18.92 -25.90 -10.22
CA SER E 21 -19.50 -24.61 -10.60
C SER E 21 -20.25 -24.03 -9.41
N CYS E 22 -19.93 -22.79 -9.05
CA CYS E 22 -20.59 -22.09 -7.96
C CYS E 22 -21.26 -20.85 -8.50
N ALA E 23 -22.57 -20.77 -8.34
CA ALA E 23 -23.36 -19.65 -8.80
C ALA E 23 -23.74 -18.77 -7.60
N ALA E 24 -23.59 -17.46 -7.77
CA ALA E 24 -23.83 -16.49 -6.71
C ALA E 24 -25.03 -15.64 -7.05
N SER E 25 -25.89 -15.41 -6.08
CA SER E 25 -27.09 -14.60 -6.24
C SER E 25 -27.24 -13.65 -5.07
N GLY E 26 -27.66 -12.42 -5.35
CA GLY E 26 -27.99 -11.47 -4.31
C GLY E 26 -26.91 -10.46 -3.98
N PHE E 27 -25.74 -10.54 -4.60
CA PHE E 27 -24.69 -9.56 -4.34
C PHE E 27 -23.86 -9.37 -5.60
N THR E 28 -23.13 -8.26 -5.64
CA THR E 28 -22.36 -7.89 -6.83
C THR E 28 -21.15 -8.81 -6.94
N PHE E 29 -21.31 -9.89 -7.70
CA PHE E 29 -20.25 -10.88 -7.86
C PHE E 29 -19.02 -10.32 -8.55
N SER E 30 -19.18 -9.26 -9.36
CA SER E 30 -18.09 -8.83 -10.23
C SER E 30 -17.04 -8.00 -9.49
N SER E 31 -17.29 -7.61 -8.24
CA SER E 31 -16.37 -6.72 -7.56
C SER E 31 -15.38 -7.45 -6.66
N TYR E 32 -15.66 -8.68 -6.27
CA TYR E 32 -14.92 -9.35 -5.20
C TYR E 32 -14.19 -10.57 -5.70
N GLY E 33 -13.03 -10.86 -5.09
CA GLY E 33 -12.33 -12.09 -5.35
C GLY E 33 -12.89 -13.24 -4.52
N MET E 34 -12.78 -14.44 -5.07
CA MET E 34 -13.45 -15.60 -4.50
C MET E 34 -12.47 -16.74 -4.27
N HIS E 35 -12.77 -17.56 -3.28
CA HIS E 35 -11.90 -18.65 -2.86
C HIS E 35 -12.62 -19.98 -3.00
N TRP E 36 -11.84 -21.02 -3.29
CA TRP E 36 -12.29 -22.40 -3.18
C TRP E 36 -11.55 -23.02 -2.00
N VAL E 37 -12.31 -23.56 -1.05
CA VAL E 37 -11.77 -24.07 0.20
C VAL E 37 -12.34 -25.47 0.42
N ARG E 38 -11.47 -26.44 0.67
CA ARG E 38 -11.89 -27.81 0.87
C ARG E 38 -11.66 -28.26 2.30
N GLN E 39 -12.47 -29.22 2.74
CA GLN E 39 -12.35 -29.80 4.06
C GLN E 39 -12.44 -31.32 3.92
N ALA E 40 -11.37 -32.01 4.31
CA ALA E 40 -11.41 -33.46 4.31
C ALA E 40 -12.34 -33.95 5.43
N PRO E 41 -12.99 -35.09 5.24
CA PRO E 41 -13.94 -35.58 6.26
C PRO E 41 -13.24 -35.81 7.60
N GLY E 42 -13.65 -35.02 8.59
CA GLY E 42 -13.04 -35.10 9.90
C GLY E 42 -11.75 -34.32 10.06
N LYS E 43 -11.33 -33.59 9.04
CA LYS E 43 -10.10 -32.82 9.08
C LYS E 43 -10.41 -31.33 8.98
N GLY E 44 -9.42 -30.52 9.34
CA GLY E 44 -9.62 -29.08 9.36
C GLY E 44 -9.74 -28.50 7.96
N LEU E 45 -10.23 -27.27 7.91
CA LEU E 45 -10.40 -26.59 6.63
C LEU E 45 -9.05 -26.31 5.99
N GLU E 46 -9.00 -26.43 4.67
CA GLU E 46 -7.79 -26.16 3.91
C GLU E 46 -8.15 -25.28 2.71
N TRP E 47 -7.33 -24.26 2.47
CA TRP E 47 -7.56 -23.35 1.36
C TRP E 47 -6.98 -23.96 0.09
N VAL E 48 -7.75 -23.89 -1.00
CA VAL E 48 -7.36 -24.51 -2.27
C VAL E 48 -6.96 -23.47 -3.29
N ALA E 49 -7.86 -22.52 -3.60
CA ALA E 49 -7.57 -21.58 -4.67
C ALA E 49 -8.19 -20.22 -4.37
N VAL E 50 -7.64 -19.20 -5.01
CA VAL E 50 -8.16 -17.84 -4.90
C VAL E 50 -8.08 -17.16 -6.28
N ILE E 51 -9.08 -16.35 -6.59
CA ILE E 51 -9.11 -15.61 -7.85
C ILE E 51 -9.54 -14.17 -7.56
N SER E 52 -8.92 -13.23 -8.28
CA SER E 52 -9.20 -11.81 -8.11
C SER E 52 -10.52 -11.44 -8.79
N TYR E 53 -10.87 -10.16 -8.72
CA TYR E 53 -12.14 -9.69 -9.27
C TYR E 53 -12.11 -9.58 -10.79
N ASP E 54 -10.94 -9.33 -11.38
CA ASP E 54 -10.82 -9.39 -12.83
C ASP E 54 -10.74 -10.83 -13.33
N GLY E 55 -10.24 -11.73 -12.49
CA GLY E 55 -9.80 -13.02 -12.96
C GLY E 55 -8.36 -13.03 -13.47
N SER E 56 -7.66 -11.90 -13.33
CA SER E 56 -6.28 -11.82 -13.80
C SER E 56 -5.32 -12.51 -12.84
N ASN E 57 -5.57 -12.43 -11.55
CA ASN E 57 -4.68 -13.00 -10.53
C ASN E 57 -5.34 -14.23 -9.92
N LYS E 58 -4.71 -15.38 -10.11
CA LYS E 58 -5.18 -16.65 -9.55
C LYS E 58 -4.03 -17.33 -8.83
N TYR E 59 -4.31 -17.88 -7.66
CA TYR E 59 -3.29 -18.57 -6.88
C TYR E 59 -3.86 -19.87 -6.32
N TYR E 60 -2.98 -20.85 -6.16
CA TYR E 60 -3.36 -22.19 -5.72
C TYR E 60 -2.43 -22.65 -4.61
N ALA E 61 -2.92 -23.59 -3.81
CA ALA E 61 -2.13 -24.11 -2.69
C ALA E 61 -0.96 -24.95 -3.21
N ASP E 62 -0.01 -25.22 -2.32
CA ASP E 62 1.15 -26.01 -2.69
C ASP E 62 0.76 -27.43 -3.08
N SER E 63 -0.19 -28.02 -2.34
CA SER E 63 -0.60 -29.39 -2.62
C SER E 63 -1.31 -29.51 -3.97
N VAL E 64 -2.15 -28.53 -4.31
CA VAL E 64 -2.97 -28.59 -5.51
C VAL E 64 -2.37 -27.80 -6.67
N LYS E 65 -1.14 -27.30 -6.51
CA LYS E 65 -0.52 -26.54 -7.58
C LYS E 65 -0.22 -27.44 -8.77
N GLY E 66 -0.47 -26.94 -9.97
CA GLY E 66 -0.17 -27.65 -11.20
C GLY E 66 -1.25 -28.58 -11.68
N ARG E 67 -2.32 -28.78 -10.91
CA ARG E 67 -3.42 -29.64 -11.31
C ARG E 67 -4.78 -28.97 -11.22
N PHE E 68 -4.90 -27.85 -10.51
CA PHE E 68 -6.17 -27.16 -10.32
C PHE E 68 -6.16 -25.86 -11.11
N THR E 69 -7.30 -25.53 -11.72
CA THR E 69 -7.45 -24.28 -12.45
C THR E 69 -8.72 -23.60 -12.00
N ILE E 70 -8.61 -22.39 -11.47
CA ILE E 70 -9.76 -21.61 -11.02
C ILE E 70 -10.11 -20.62 -12.12
N SER E 71 -11.40 -20.32 -12.26
CA SER E 71 -11.86 -19.41 -13.29
C SER E 71 -13.14 -18.74 -12.81
N ARG E 72 -13.48 -17.64 -13.45
CA ARG E 72 -14.73 -16.96 -13.14
C ARG E 72 -15.30 -16.36 -14.42
N ASP E 73 -16.62 -16.24 -14.47
CA ASP E 73 -17.31 -15.62 -15.59
C ASP E 73 -18.40 -14.73 -15.01
N ASN E 74 -18.21 -13.42 -15.12
CA ASN E 74 -19.13 -12.47 -14.51
C ASN E 74 -20.40 -12.28 -15.32
N SER E 75 -20.43 -12.71 -16.57
CA SER E 75 -21.65 -12.61 -17.37
C SER E 75 -22.73 -13.54 -16.83
N LYS E 76 -22.39 -14.80 -16.60
CA LYS E 76 -23.31 -15.76 -16.02
C LYS E 76 -23.22 -15.82 -14.49
N ASN E 77 -22.38 -14.99 -13.89
CA ASN E 77 -22.20 -14.94 -12.44
C ASN E 77 -21.81 -16.31 -11.89
N THR E 78 -20.69 -16.83 -12.38
CA THR E 78 -20.29 -18.19 -12.03
C THR E 78 -18.81 -18.22 -11.71
N LEU E 79 -18.44 -19.18 -10.85
CA LEU E 79 -17.06 -19.40 -10.45
C LEU E 79 -16.76 -20.89 -10.57
N TYR E 80 -15.80 -21.24 -11.43
CA TYR E 80 -15.51 -22.62 -11.75
C TYR E 80 -14.17 -23.05 -11.19
N LEU E 81 -14.08 -24.33 -10.84
CA LEU E 81 -12.83 -24.96 -10.46
C LEU E 81 -12.69 -26.27 -11.23
N GLN E 82 -11.63 -26.40 -12.00
CA GLN E 82 -11.35 -27.59 -12.79
C GLN E 82 -10.21 -28.34 -12.13
N MET E 83 -10.48 -29.58 -11.71
CA MET E 83 -9.54 -30.40 -10.98
C MET E 83 -9.06 -31.52 -11.89
N ASN E 84 -7.75 -31.59 -12.09
CA ASN E 84 -7.16 -32.57 -13.00
C ASN E 84 -6.25 -33.51 -12.22
N SER E 85 -6.14 -34.74 -12.72
CA SER E 85 -5.29 -35.77 -12.10
C SER E 85 -5.66 -35.98 -10.64
N LEU E 86 -6.95 -36.15 -10.38
CA LEU E 86 -7.44 -36.34 -9.03
C LEU E 86 -6.86 -37.61 -8.43
N ARG E 87 -6.48 -37.53 -7.16
CA ARG E 87 -5.86 -38.63 -6.45
C ARG E 87 -6.64 -38.93 -5.18
N ALA E 88 -6.18 -39.92 -4.42
CA ALA E 88 -6.83 -40.26 -3.17
C ALA E 88 -6.71 -39.15 -2.13
N GLU E 89 -5.78 -38.22 -2.31
CA GLU E 89 -5.62 -37.10 -1.40
C GLU E 89 -6.64 -36.00 -1.65
N ASP E 90 -7.31 -36.01 -2.81
CA ASP E 90 -8.18 -34.92 -3.21
C ASP E 90 -9.63 -35.09 -2.77
N THR E 91 -9.95 -36.14 -2.03
CA THR E 91 -11.31 -36.32 -1.56
C THR E 91 -11.60 -35.36 -0.40
N ALA E 92 -12.68 -34.58 -0.54
CA ALA E 92 -13.03 -33.57 0.47
C ALA E 92 -14.36 -32.95 0.06
N VAL E 93 -14.92 -32.17 0.97
CA VAL E 93 -16.09 -31.34 0.69
C VAL E 93 -15.58 -29.96 0.31
N TYR E 94 -15.97 -29.49 -0.87
CA TYR E 94 -15.51 -28.22 -1.41
C TYR E 94 -16.57 -27.15 -1.21
N TYR E 95 -16.11 -25.95 -0.86
CA TYR E 95 -16.95 -24.78 -0.65
C TYR E 95 -16.41 -23.63 -1.49
N CYS E 96 -17.32 -22.85 -2.06
CA CYS E 96 -16.97 -21.58 -2.67
C CYS E 96 -17.27 -20.47 -1.67
N LEU E 97 -16.26 -19.65 -1.38
CA LEU E 97 -16.33 -18.70 -0.29
C LEU E 97 -16.05 -17.29 -0.81
N TYR E 98 -16.92 -16.36 -0.43
CA TYR E 98 -16.68 -14.93 -0.59
C TYR E 98 -16.33 -14.40 0.79
N GLY E 99 -15.05 -14.48 1.14
CA GLY E 99 -14.63 -14.07 2.46
C GLY E 99 -13.20 -13.58 2.49
N GLY E 100 -12.58 -13.64 3.66
CA GLY E 100 -11.21 -13.16 3.80
C GLY E 100 -11.09 -11.66 3.61
N ASN E 101 -11.98 -10.90 4.23
CA ASN E 101 -11.98 -9.45 4.15
C ASN E 101 -11.88 -8.86 5.56
N SER E 102 -12.03 -7.55 5.63
CA SER E 102 -11.95 -6.84 6.90
C SER E 102 -13.27 -6.22 7.32
N TYR E 103 -14.27 -6.14 6.43
CA TYR E 103 -15.55 -5.56 6.79
C TYR E 103 -16.57 -6.59 7.27
N GLY E 104 -16.19 -7.88 7.33
CA GLY E 104 -17.00 -8.87 8.00
C GLY E 104 -18.11 -9.49 7.18
N MET E 105 -18.04 -9.43 5.86
CA MET E 105 -19.06 -10.05 5.02
C MET E 105 -18.50 -11.35 4.44
N ASP E 106 -19.12 -12.47 4.78
CA ASP E 106 -18.73 -13.77 4.24
C ASP E 106 -19.96 -14.56 3.87
N VAL E 107 -19.86 -15.31 2.76
CA VAL E 107 -20.91 -16.21 2.30
C VAL E 107 -20.27 -17.55 1.98
N TRP E 108 -20.85 -18.63 2.48
CA TRP E 108 -20.33 -19.97 2.30
C TRP E 108 -21.31 -20.79 1.48
N GLY E 109 -20.80 -21.49 0.48
CA GLY E 109 -21.64 -22.40 -0.27
C GLY E 109 -22.01 -23.61 0.55
N GLN E 110 -22.96 -24.38 0.01
CA GLN E 110 -23.40 -25.59 0.70
C GLN E 110 -22.26 -26.60 0.82
N GLY E 111 -21.44 -26.71 -0.21
CA GLY E 111 -20.35 -27.66 -0.18
C GLY E 111 -20.70 -28.96 -0.86
N THR E 112 -19.94 -29.33 -1.88
CA THR E 112 -20.18 -30.56 -2.62
C THR E 112 -19.05 -31.54 -2.34
N MET E 113 -19.41 -32.83 -2.25
CA MET E 113 -18.43 -33.86 -1.91
C MET E 113 -17.74 -34.35 -3.17
N VAL E 114 -16.41 -34.47 -3.11
CA VAL E 114 -15.61 -35.09 -4.15
C VAL E 114 -14.88 -36.27 -3.51
N THR E 115 -15.22 -37.47 -3.96
CA THR E 115 -14.64 -38.70 -3.44
C THR E 115 -13.86 -39.39 -4.55
N VAL E 116 -12.69 -39.91 -4.21
CA VAL E 116 -11.80 -40.56 -5.16
C VAL E 116 -11.56 -41.98 -4.71
N PHE E 117 -12.02 -42.95 -5.50
CA PHE E 117 -11.74 -44.36 -5.27
C PHE E 117 -12.18 -45.12 -6.52
N ASN E 118 -11.99 -46.44 -6.48
CA ASN E 118 -12.34 -47.29 -7.60
C ASN E 118 -13.48 -48.25 -7.25
N1 A1AWR F . -6.65 -13.02 0.21
C2 A1AWR F . -4.62 -12.68 -2.64
C3 A1AWR F . -3.17 -12.96 -2.82
C4 A1AWR F . -2.24 -11.94 -2.96
C5 A1AWR F . -0.91 -12.20 -3.13
C6 A1AWR F . -0.45 -13.54 -3.15
C11 A1AWR F . 4.29 -12.95 -2.95
C12 A1AWR F . 3.53 -12.64 -5.26
C21 A1AWR F . 1.15 -21.51 -2.56
C22 A1AWR F . 1.72 -20.19 -3.05
C24 A1AWR F . -2.74 -14.28 -2.83
C25 A1AWR F . -5.50 -12.24 -3.64
C29 A1AWR F . -5.03 -11.97 -5.05
N3 A1AWR F . -0.97 -15.90 -3.00
C8 A1AWR F . 0.33 -16.12 -3.16
N4 A1AWR F . 1.27 -15.19 -3.31
C9 A1AWR F . 0.91 -13.90 -3.30
N5 A1AWR F . 1.92 -12.96 -3.48
C10 A1AWR F . 2.89 -12.65 -2.44
C7 A1AWR F . -1.38 -14.60 -2.99
N2 A1AWR F . -5.02 -12.94 -1.39
C1 A1AWR F . -6.31 -12.75 -1.05
O1 A1AWR F . 6.30 -11.09 -3.55
O2 A1AWR F . 0.76 -17.39 -3.17
C14 A1AWR F . 1.96 -10.77 -4.60
N6 A1AWR F . 4.52 -12.30 -4.23
C15 A1AWR F . 5.55 -11.45 -4.45
N7 A1AWR F . 1.14 -20.11 -0.75
C16 A1AWR F . 5.77 -10.95 -5.87
C19 A1AWR F . 1.47 -19.23 -1.87
C18 A1AWR F . 0.35 -18.23 -2.10
C17 A1AWR F . 6.83 -11.73 -6.62
C13 A1AWR F . 2.14 -12.27 -4.76
C20 A1AWR F . 1.56 -21.46 -1.12
C26 A1AWR F . -6.84 -12.04 -3.30
C27 A1AWR F . -7.86 -11.55 -4.30
C28 A1AWR F . -7.26 -12.29 -2.00
C23 A1AWR F . 1.66 -19.66 0.54
CL1 A1AWR F . -2.77 -10.28 -2.94
F1 A1AWR F . -3.64 -15.29 -2.70
F2 A1AWR F . -5.76 -12.56 -5.98
F3 A1AWR F . -3.82 -12.41 -5.32
F4 A1AWR F . -5.00 -10.68 -5.35
#